data_8EA8
#
_entry.id   8EA8
#
_cell.length_a   100.090
_cell.length_b   43.675
_cell.length_c   72.591
_cell.angle_alpha   90.000
_cell.angle_beta   125.010
_cell.angle_gamma   90.000
#
_symmetry.space_group_name_H-M   'C 1 2 1'
#
loop_
_entity.id
_entity.type
_entity.pdbx_description
1 polymer 'NKG2-D type II integral membrane protein'
2 non-polymer 'TRIETHYLENE GLYCOL'
3 non-polymer DI(HYDROXYETHYL)ETHER
4 non-polymer N-{(1S)-2-(dimethylamino)-2-oxo-1-[3-(trifluoromethyl)phenyl]ethyl}-4-[4-(trifluoromethyl)phenyl]pyridine-3-carboxamide
5 water water
#
_entity_poly.entity_id   1
_entity_poly.type   'polypeptide(L)'
_entity_poly.pdbx_seq_one_letter_code
;MGPLTESYCGPCPKNWICYKNNCYQFFDEEKNWYESQASCMSQNASLLKVYSKEDQDLLKLVKSYHWMGLVHIPTNGSWQ
WEDGSSLSPNLLTIIEMQKGDCALYASSFKGYIENCSTPNTYICMQRTV
;
_entity_poly.pdbx_strand_id   B,A
#
# COMPACT_ATOMS: atom_id res chain seq x y z
N LEU A 4 -14.23 -13.69 -10.65
CA LEU A 4 -13.33 -13.63 -9.53
C LEU A 4 -14.13 -13.84 -8.25
N THR A 5 -13.44 -14.23 -7.20
CA THR A 5 -14.09 -14.57 -5.94
C THR A 5 -14.00 -13.37 -5.02
N GLU A 6 -15.15 -12.88 -4.57
CA GLU A 6 -15.21 -11.71 -3.72
C GLU A 6 -15.28 -12.16 -2.27
N SER A 7 -14.42 -11.60 -1.43
CA SER A 7 -14.41 -11.90 -0.02
C SER A 7 -14.56 -10.59 0.73
N TYR A 8 -15.14 -10.67 1.92
CA TYR A 8 -15.02 -9.54 2.81
C TYR A 8 -13.68 -9.63 3.52
N CYS A 9 -13.16 -8.48 3.91
CA CYS A 9 -11.82 -8.40 4.48
C CYS A 9 -11.96 -7.78 5.86
N GLY A 10 -11.35 -8.42 6.85
CA GLY A 10 -11.28 -7.80 8.14
C GLY A 10 -11.77 -8.73 9.23
N PRO A 11 -12.35 -8.13 10.28
CA PRO A 11 -12.68 -6.70 10.28
C PRO A 11 -11.48 -5.80 10.60
N CYS A 12 -11.54 -4.55 10.14
CA CYS A 12 -10.46 -3.59 10.32
C CYS A 12 -11.09 -2.25 10.65
N PRO A 13 -10.37 -1.39 11.33
CA PRO A 13 -10.79 0.01 11.41
C PRO A 13 -10.94 0.55 10.00
N LYS A 14 -11.87 1.50 9.84
CA LYS A 14 -12.21 2.00 8.51
C LYS A 14 -11.05 2.73 7.84
N ASN A 15 -10.15 3.35 8.62
CA ASN A 15 -9.02 4.06 8.05
C ASN A 15 -7.74 3.23 7.97
N TRP A 16 -7.85 1.92 8.08
CA TRP A 16 -6.71 1.03 7.91
C TRP A 16 -6.84 0.24 6.61
N ILE A 17 -5.70 -0.11 6.02
CA ILE A 17 -5.64 -1.01 4.86
CA ILE A 17 -5.71 -0.99 4.85
C ILE A 17 -5.97 -2.42 5.29
N CYS A 18 -6.81 -3.14 4.52
CA CYS A 18 -7.07 -4.55 4.76
C CYS A 18 -6.52 -5.38 3.61
N TYR A 19 -5.86 -6.48 3.94
CA TYR A 19 -5.27 -7.34 2.91
C TYR A 19 -5.23 -8.76 3.48
N LYS A 20 -6.01 -9.65 2.89
CA LYS A 20 -6.11 -11.03 3.35
C LYS A 20 -6.39 -11.08 4.86
N ASN A 21 -7.31 -10.22 5.30
CA ASN A 21 -7.85 -10.12 6.65
C ASN A 21 -6.92 -9.50 7.67
N ASN A 22 -5.70 -9.12 7.29
CA ASN A 22 -4.87 -8.37 8.21
C ASN A 22 -5.08 -6.90 7.94
N CYS A 23 -4.95 -6.08 8.98
CA CYS A 23 -5.16 -4.64 8.87
C CYS A 23 -3.85 -3.93 9.14
N TYR A 24 -3.47 -2.98 8.28
CA TYR A 24 -2.20 -2.28 8.46
C TYR A 24 -2.40 -0.77 8.47
N GLN A 25 -1.57 -0.08 9.25
CA GLN A 25 -1.56 1.37 9.24
C GLN A 25 -0.11 1.84 9.26
N PHE A 26 0.18 2.86 8.45
CA PHE A 26 1.51 3.45 8.41
C PHE A 26 1.55 4.73 9.23
N PHE A 27 2.64 4.91 9.99
CA PHE A 27 2.79 6.07 10.85
C PHE A 27 4.09 6.77 10.48
N ASP A 28 3.99 8.01 9.99
CA ASP A 28 5.19 8.74 9.59
C ASP A 28 5.76 9.62 10.70
N GLU A 29 5.11 9.67 11.85
CA GLU A 29 5.62 10.45 12.96
C GLU A 29 6.61 9.56 13.70
N GLU A 30 7.90 9.88 13.62
CA GLU A 30 8.92 8.91 14.02
C GLU A 30 9.01 8.71 15.53
N LYS A 31 9.23 7.46 15.92
CA LYS A 31 9.27 7.05 17.32
C LYS A 31 10.31 5.94 17.46
N ASN A 32 10.92 5.85 18.64
CA ASN A 32 11.77 4.69 18.88
C ASN A 32 10.91 3.42 18.93
N TRP A 33 11.55 2.24 19.02
CA TRP A 33 10.82 1.00 18.87
C TRP A 33 9.77 0.85 19.96
N TYR A 34 10.13 1.14 21.22
CA TYR A 34 9.20 0.94 22.32
C TYR A 34 8.00 1.87 22.21
N GLU A 35 8.25 3.13 21.88
CA GLU A 35 7.17 4.11 21.72
C GLU A 35 6.29 3.73 20.54
N SER A 36 6.89 3.19 19.49
CA SER A 36 6.10 2.70 18.36
C SER A 36 5.21 1.56 18.80
N GLN A 37 5.75 0.64 19.60
CA GLN A 37 4.94 -0.47 20.10
C GLN A 37 3.80 0.07 20.96
N ALA A 38 4.09 1.04 21.82
CA ALA A 38 3.07 1.59 22.70
C ALA A 38 1.98 2.26 21.89
N SER A 39 2.36 2.92 20.81
CA SER A 39 1.38 3.57 19.93
C SER A 39 0.48 2.54 19.28
N CYS A 40 1.04 1.44 18.77
CA CYS A 40 0.18 0.43 18.18
C CYS A 40 -0.73 -0.18 19.24
N MET A 41 -0.18 -0.43 20.43
CA MET A 41 -0.98 -1.03 21.50
C MET A 41 -2.18 -0.17 21.82
N SER A 42 -2.01 1.15 21.82
CA SER A 42 -3.12 2.03 22.14
C SER A 42 -4.21 1.97 21.08
N GLN A 43 -3.99 1.27 19.98
CA GLN A 43 -4.96 1.17 18.90
C GLN A 43 -5.34 -0.29 18.67
N ASN A 44 -5.35 -1.05 19.75
CA ASN A 44 -5.64 -2.47 19.71
C ASN A 44 -4.80 -3.19 18.66
N ALA A 45 -3.52 -2.82 18.56
CA ALA A 45 -2.67 -3.38 17.54
C ALA A 45 -1.26 -3.61 18.09
N SER A 46 -0.41 -4.22 17.26
CA SER A 46 0.99 -4.36 17.58
C SER A 46 1.79 -3.89 16.38
N LEU A 47 3.09 -3.78 16.54
CA LEU A 47 3.94 -3.52 15.38
C LEU A 47 3.84 -4.68 14.38
N LEU A 48 4.09 -4.38 13.11
CA LEU A 48 4.04 -5.38 12.05
C LEU A 48 4.69 -6.70 12.47
N LYS A 49 3.95 -7.81 12.29
CA LYS A 49 4.51 -9.16 12.46
C LYS A 49 4.53 -9.84 11.09
N VAL A 50 5.67 -10.39 10.71
CA VAL A 50 5.81 -11.02 9.40
C VAL A 50 5.78 -12.53 9.59
N TYR A 51 4.77 -13.18 9.04
CA TYR A 51 4.62 -14.61 9.22
C TYR A 51 4.45 -15.39 7.92
N SER A 52 4.17 -14.75 6.79
CA SER A 52 3.92 -15.50 5.56
C SER A 52 4.21 -14.63 4.35
N LYS A 53 5.10 -15.11 3.47
CA LYS A 53 5.32 -14.41 2.19
C LYS A 53 4.04 -14.40 1.36
N GLU A 54 3.25 -15.48 1.45
CA GLU A 54 2.05 -15.56 0.61
C GLU A 54 0.92 -14.69 1.18
N ASP A 55 0.62 -14.81 2.47
CA ASP A 55 -0.49 -14.07 3.07
C ASP A 55 -0.18 -12.60 3.22
N GLN A 56 1.09 -12.21 3.15
CA GLN A 56 1.47 -10.82 3.32
C GLN A 56 2.29 -10.38 2.14
N ASP A 57 1.94 -10.87 0.93
CA ASP A 57 2.77 -10.50 -0.22
C ASP A 57 2.71 -9.01 -0.53
N LEU A 58 1.72 -8.30 0.04
CA LEU A 58 1.69 -6.86 -0.17
C LEU A 58 2.92 -6.19 0.40
N LEU A 59 3.62 -6.85 1.33
CA LEU A 59 4.82 -6.24 1.87
C LEU A 59 5.92 -6.09 0.84
N LYS A 60 5.84 -6.77 -0.31
CA LYS A 60 6.81 -6.52 -1.36
C LYS A 60 6.78 -5.06 -1.77
N LEU A 61 5.63 -4.42 -1.60
CA LEU A 61 5.42 -3.07 -2.08
C LEU A 61 5.69 -2.02 -1.02
N VAL A 62 6.05 -2.43 0.20
CA VAL A 62 6.26 -1.51 1.29
C VAL A 62 7.72 -1.08 1.26
N LYS A 63 7.95 0.17 0.94
CA LYS A 63 9.30 0.68 0.78
C LYS A 63 9.74 1.47 2.00
N SER A 64 10.84 2.18 1.88
CA SER A 64 11.42 2.88 3.03
C SER A 64 11.74 1.85 4.10
N TYR A 65 11.78 2.30 5.35
CA TYR A 65 12.26 1.48 6.46
C TYR A 65 11.38 1.80 7.66
N HIS A 66 10.68 0.79 8.19
CA HIS A 66 9.65 0.99 9.21
C HIS A 66 9.89 0.00 10.34
N TRP A 67 9.69 0.43 11.59
CA TRP A 67 9.78 -0.53 12.69
C TRP A 67 8.80 -1.67 12.47
N MET A 68 9.24 -2.90 12.75
CA MET A 68 8.34 -4.03 12.90
C MET A 68 8.60 -4.62 14.28
N GLY A 69 7.80 -5.61 14.66
CA GLY A 69 7.83 -6.05 16.03
C GLY A 69 8.85 -7.11 16.32
N LEU A 70 10.00 -7.10 15.62
CA LEU A 70 11.00 -8.17 15.72
C LEU A 70 12.13 -7.73 16.64
N VAL A 71 12.41 -8.51 17.68
CA VAL A 71 13.44 -8.13 18.64
C VAL A 71 14.37 -9.31 18.88
N HIS A 72 15.64 -9.00 19.16
CA HIS A 72 16.67 -9.97 19.53
C HIS A 72 16.80 -10.02 21.05
N ILE A 73 16.73 -11.22 21.60
CA ILE A 73 16.86 -11.44 23.04
C ILE A 73 18.28 -11.92 23.31
N PRO A 74 19.16 -11.09 23.90
CA PRO A 74 20.53 -11.53 24.16
C PRO A 74 20.65 -12.42 25.39
N ASN A 76 19.33 -15.38 25.23
CA ASN A 76 19.24 -16.71 24.63
C ASN A 76 19.45 -16.61 23.13
N GLY A 77 19.66 -15.38 22.66
CA GLY A 77 19.98 -15.15 21.26
C GLY A 77 18.87 -15.47 20.28
N SER A 78 17.63 -15.51 20.73
CA SER A 78 16.54 -15.80 19.81
C SER A 78 16.03 -14.50 19.19
N TRP A 79 15.43 -14.61 18.00
CA TRP A 79 14.66 -13.53 17.40
C TRP A 79 13.19 -13.84 17.62
N GLN A 80 12.46 -12.88 18.20
CA GLN A 80 11.08 -13.08 18.61
C GLN A 80 10.26 -11.87 18.19
N TRP A 81 8.97 -12.12 17.99
CA TRP A 81 8.02 -11.05 17.79
C TRP A 81 7.54 -10.50 19.15
N GLU A 82 6.93 -9.32 19.12
CA GLU A 82 6.39 -8.73 20.35
C GLU A 82 5.48 -9.72 21.08
N ASP A 83 4.74 -10.53 20.35
CA ASP A 83 3.84 -11.48 21.01
C ASP A 83 4.55 -12.67 21.65
N GLY A 84 5.89 -12.76 21.55
CA GLY A 84 6.63 -13.85 22.15
C GLY A 84 6.99 -14.98 21.21
N SER A 85 6.36 -15.05 20.03
CA SER A 85 6.56 -16.19 19.16
C SER A 85 7.83 -15.98 18.32
N SER A 86 8.25 -17.03 17.59
CA SER A 86 9.57 -17.00 16.96
C SER A 86 9.50 -16.44 15.54
N LEU A 87 10.63 -15.92 15.07
CA LEU A 87 10.78 -15.62 13.65
C LEU A 87 10.91 -16.96 12.91
N SER A 88 10.00 -17.20 11.97
CA SER A 88 10.05 -18.46 11.23
C SER A 88 11.11 -18.37 10.13
N PRO A 89 11.66 -19.49 9.71
CA PRO A 89 12.70 -19.45 8.67
C PRO A 89 12.09 -19.20 7.32
N ASN A 90 12.95 -18.81 6.37
CA ASN A 90 12.54 -18.59 4.98
C ASN A 90 11.53 -17.47 4.84
N LEU A 91 11.59 -16.47 5.72
CA LEU A 91 10.68 -15.34 5.63
C LEU A 91 11.42 -14.03 5.39
N LEU A 92 12.49 -13.77 6.15
CA LEU A 92 13.17 -12.48 6.06
C LEU A 92 14.66 -12.70 5.91
N THR A 93 15.31 -11.81 5.16
CA THR A 93 16.78 -11.69 5.13
C THR A 93 17.17 -10.56 6.07
N ILE A 94 17.96 -10.87 7.09
CA ILE A 94 18.26 -9.91 8.15
C ILE A 94 19.68 -9.39 7.97
N ILE A 95 19.82 -8.05 7.92
CA ILE A 95 21.10 -7.38 7.69
C ILE A 95 21.36 -6.40 8.82
N GLU A 96 22.61 -6.32 9.29
CA GLU A 96 22.99 -5.33 10.28
C GLU A 96 23.07 -3.94 9.67
N MET A 97 22.51 -2.94 10.37
CA MET A 97 22.72 -1.54 10.02
C MET A 97 23.36 -0.78 11.17
N GLN A 98 22.69 -0.71 12.32
CA GLN A 98 23.23 -0.16 13.56
C GLN A 98 23.28 -1.29 14.57
N LYS A 99 24.25 -1.26 15.47
CA LYS A 99 24.25 -2.23 16.55
C LYS A 99 22.96 -2.06 17.33
N GLY A 100 22.24 -3.14 17.51
CA GLY A 100 20.97 -2.98 18.18
C GLY A 100 20.26 -4.30 18.25
N ASP A 101 19.12 -4.25 18.92
CA ASP A 101 18.35 -5.44 19.21
C ASP A 101 16.98 -5.42 18.55
N CYS A 102 16.71 -4.42 17.69
CA CYS A 102 15.42 -4.27 17.06
C CYS A 102 15.61 -4.27 15.55
N ALA A 103 14.52 -4.46 14.80
CA ALA A 103 14.62 -4.55 13.34
C ALA A 103 13.61 -3.68 12.61
N LEU A 104 14.05 -3.08 11.51
CA LEU A 104 13.20 -2.33 10.60
C LEU A 104 12.86 -3.20 9.40
N TYR A 105 11.59 -3.15 8.95
CA TYR A 105 11.19 -3.86 7.74
C TYR A 105 11.62 -3.04 6.52
N ALA A 106 12.19 -3.69 5.51
CA ALA A 106 12.46 -3.04 4.22
C ALA A 106 12.09 -4.00 3.09
N SER A 107 11.74 -3.45 1.93
CA SER A 107 11.38 -4.32 0.81
C SER A 107 12.65 -4.89 0.19
N SER A 108 12.64 -6.17 -0.22
CA SER A 108 11.48 -7.08 -0.18
C SER A 108 11.78 -8.14 0.86
N PHE A 109 10.99 -8.17 1.95
CA PHE A 109 11.18 -9.19 2.98
C PHE A 109 12.61 -9.17 3.55
N LYS A 110 13.09 -7.95 3.82
CA LYS A 110 14.35 -7.72 4.53
C LYS A 110 14.07 -7.13 5.91
N GLY A 111 14.98 -7.40 6.85
CA GLY A 111 14.95 -6.70 8.13
C GLY A 111 16.30 -6.09 8.34
N TYR A 112 16.37 -4.81 8.72
CA TYR A 112 17.66 -4.19 9.05
C TYR A 112 17.75 -4.02 10.55
N ILE A 113 18.85 -4.53 11.15
CA ILE A 113 19.02 -4.40 12.59
C ILE A 113 19.34 -2.94 12.91
N GLU A 114 18.70 -2.43 13.96
CA GLU A 114 18.64 -1.00 14.28
C GLU A 114 18.63 -0.86 15.80
N ASN A 115 19.25 0.19 16.32
CA ASN A 115 19.16 0.44 17.76
C ASN A 115 17.71 0.74 18.12
N CYS A 116 17.20 0.05 19.16
CA CYS A 116 15.80 0.22 19.50
C CYS A 116 15.45 1.67 19.84
N SER A 117 16.43 2.47 20.26
CA SER A 117 16.12 3.84 20.64
C SER A 117 16.14 4.81 19.48
N THR A 118 16.40 4.36 18.25
CA THR A 118 16.46 5.30 17.12
C THR A 118 15.05 5.60 16.63
N PRO A 119 14.67 6.87 16.47
CA PRO A 119 13.36 7.17 15.90
C PRO A 119 13.24 6.66 14.46
N ASN A 120 12.11 6.05 14.16
CA ASN A 120 11.81 5.64 12.80
C ASN A 120 10.30 5.68 12.57
N THR A 121 9.90 5.67 11.29
CA THR A 121 8.50 5.47 10.98
C THR A 121 8.15 4.03 11.34
N TYR A 122 6.85 3.71 11.41
CA TYR A 122 6.50 2.37 11.88
C TYR A 122 5.18 1.92 11.25
N ILE A 123 4.91 0.63 11.36
CA ILE A 123 3.72 0.01 10.78
C ILE A 123 3.02 -0.72 11.91
N CYS A 124 1.74 -0.42 12.12
CA CYS A 124 0.95 -1.22 13.06
C CYS A 124 0.11 -2.24 12.32
N MET A 125 -0.25 -3.32 13.02
CA MET A 125 -1.01 -4.37 12.39
C MET A 125 -1.99 -4.89 13.43
N GLN A 126 -3.25 -5.06 13.06
CA GLN A 126 -4.25 -5.45 14.05
C GLN A 126 -3.99 -6.86 14.56
N ARG A 127 -4.07 -7.03 15.89
CA ARG A 127 -3.85 -8.37 16.47
C ARG A 127 -4.38 -8.42 17.89
N GLU B 6 -14.44 -0.61 13.76
CA GLU B 6 -14.23 -1.92 13.12
C GLU B 6 -15.33 -2.20 12.11
N SER B 7 -14.95 -2.65 10.93
CA SER B 7 -15.94 -2.93 9.90
C SER B 7 -15.38 -3.99 8.98
N TYR B 8 -16.26 -4.63 8.23
CA TYR B 8 -15.84 -5.58 7.22
C TYR B 8 -15.69 -4.81 5.92
N CYS B 9 -14.57 -4.99 5.24
CA CYS B 9 -14.26 -4.17 4.08
C CYS B 9 -14.53 -4.97 2.81
N GLY B 10 -15.06 -4.29 1.79
CA GLY B 10 -15.27 -4.92 0.51
C GLY B 10 -16.71 -5.05 0.07
N PRO B 11 -17.03 -6.15 -0.62
CA PRO B 11 -16.12 -7.28 -0.86
C PRO B 11 -15.00 -7.00 -1.88
N CYS B 12 -13.87 -7.70 -1.73
CA CYS B 12 -12.74 -7.63 -2.67
C CYS B 12 -12.19 -9.02 -2.89
N PRO B 13 -11.57 -9.28 -4.05
CA PRO B 13 -10.83 -10.54 -4.22
C PRO B 13 -9.63 -10.57 -3.28
N LYS B 14 -9.17 -11.77 -2.94
CA LYS B 14 -8.14 -11.91 -1.88
C LYS B 14 -6.81 -11.20 -2.17
N ASN B 15 -6.39 -11.18 -3.41
CA ASN B 15 -5.10 -10.56 -3.71
C ASN B 15 -5.18 -9.04 -3.89
N TRP B 16 -6.27 -8.40 -3.47
CA TRP B 16 -6.43 -6.96 -3.62
C TRP B 16 -6.46 -6.28 -2.26
N ILE B 17 -5.91 -5.07 -2.23
CA ILE B 17 -6.03 -4.23 -1.04
C ILE B 17 -7.45 -3.72 -0.96
N CYS B 18 -8.06 -3.80 0.23
CA CYS B 18 -9.39 -3.25 0.46
C CYS B 18 -9.27 -2.00 1.31
N TYR B 19 -9.96 -0.92 0.91
CA TYR B 19 -9.89 0.32 1.66
C TYR B 19 -11.22 1.05 1.44
N LYS B 20 -11.95 1.25 2.53
CA LYS B 20 -13.25 1.91 2.46
C LYS B 20 -14.15 1.33 1.35
N ASN B 21 -14.13 0.00 1.24
CA ASN B 21 -14.97 -0.82 0.36
C ASN B 21 -14.60 -0.76 -1.12
N ASN B 22 -13.52 -0.06 -1.48
CA ASN B 22 -12.91 -0.13 -2.80
C ASN B 22 -11.73 -1.09 -2.74
N CYS B 23 -11.44 -1.71 -3.89
CA CYS B 23 -10.41 -2.73 -4.01
C CYS B 23 -9.37 -2.24 -4.99
N TYR B 24 -8.09 -2.38 -4.63
CA TYR B 24 -7.01 -1.83 -5.45
C TYR B 24 -5.95 -2.90 -5.68
N GLN B 25 -5.38 -2.93 -6.88
CA GLN B 25 -4.30 -3.88 -7.14
C GLN B 25 -3.27 -3.21 -8.04
N PHE B 26 -2.01 -3.27 -7.63
CA PHE B 26 -0.92 -2.66 -8.37
C PHE B 26 -0.33 -3.72 -9.28
N PHE B 27 0.01 -3.32 -10.51
CA PHE B 27 0.61 -4.23 -11.49
C PHE B 27 1.99 -3.71 -11.87
N ASP B 28 3.01 -4.52 -11.64
CA ASP B 28 4.40 -4.09 -11.80
C ASP B 28 4.90 -4.19 -13.24
N GLU B 29 4.04 -4.60 -14.15
CA GLU B 29 4.39 -4.74 -15.55
C GLU B 29 4.28 -3.39 -16.22
N GLU B 30 5.29 -3.05 -17.02
CA GLU B 30 5.20 -1.78 -17.74
C GLU B 30 4.34 -1.98 -18.99
N LYS B 31 3.21 -1.28 -19.09
CA LYS B 31 2.34 -1.40 -20.25
C LYS B 31 1.84 0.00 -20.62
N ASN B 32 1.50 0.20 -21.89
CA ASN B 32 0.91 1.48 -22.27
C ASN B 32 -0.51 1.59 -21.67
N TRP B 33 -1.14 2.75 -21.85
CA TRP B 33 -2.44 2.96 -21.22
C TRP B 33 -3.46 1.95 -21.72
N TYR B 34 -3.52 1.75 -23.04
CA TYR B 34 -4.50 0.85 -23.63
C TYR B 34 -4.35 -0.57 -23.12
N GLU B 35 -3.10 -1.07 -23.05
CA GLU B 35 -2.86 -2.43 -22.57
C GLU B 35 -3.14 -2.55 -21.09
N SER B 36 -2.90 -1.49 -20.33
CA SER B 36 -3.20 -1.51 -18.90
C SER B 36 -4.71 -1.55 -18.67
N GLN B 37 -5.48 -0.80 -19.48
CA GLN B 37 -6.94 -0.85 -19.32
C GLN B 37 -7.45 -2.24 -19.65
N ALA B 38 -6.93 -2.82 -20.74
CA ALA B 38 -7.32 -4.18 -21.11
C ALA B 38 -6.98 -5.15 -19.99
N SER B 39 -5.83 -4.97 -19.34
CA SER B 39 -5.45 -5.84 -18.24
C SER B 39 -6.45 -5.74 -17.09
N CYS B 40 -6.81 -4.51 -16.71
CA CYS B 40 -7.77 -4.34 -15.61
C CYS B 40 -9.11 -4.95 -15.95
N MET B 41 -9.56 -4.76 -17.19
CA MET B 41 -10.85 -5.32 -17.57
C MET B 41 -10.86 -6.84 -17.46
N SER B 42 -9.73 -7.47 -17.79
CA SER B 42 -9.67 -8.93 -17.69
C SER B 42 -9.80 -9.40 -16.25
N GLN B 43 -9.63 -8.50 -15.29
CA GLN B 43 -9.79 -8.79 -13.88
C GLN B 43 -11.15 -8.33 -13.37
N ASN B 44 -12.07 -8.05 -14.28
CA ASN B 44 -13.39 -7.53 -13.90
C ASN B 44 -13.26 -6.19 -13.19
N ALA B 45 -12.33 -5.36 -13.66
CA ALA B 45 -12.02 -4.13 -12.95
C ALA B 45 -11.80 -3.04 -13.99
N SER B 46 -11.46 -1.84 -13.51
CA SER B 46 -11.10 -0.72 -14.37
C SER B 46 -9.78 -0.19 -13.86
N LEU B 47 -9.14 0.69 -14.63
CA LEU B 47 -8.05 1.44 -14.05
C LEU B 47 -8.56 2.35 -12.94
N LEU B 48 -7.64 2.75 -12.08
CA LEU B 48 -7.99 3.61 -10.94
C LEU B 48 -8.87 4.78 -11.36
N LYS B 49 -9.94 5.00 -10.59
CA LYS B 49 -10.79 6.17 -10.70
C LYS B 49 -10.68 6.93 -9.39
N VAL B 50 -10.38 8.23 -9.46
CA VAL B 50 -10.28 9.06 -8.27
C VAL B 50 -11.55 9.90 -8.16
N TYR B 51 -12.31 9.67 -7.08
CA TYR B 51 -13.58 10.39 -6.88
C TYR B 51 -13.70 11.10 -5.53
N SER B 52 -12.83 10.81 -4.57
CA SER B 52 -13.01 11.41 -3.25
C SER B 52 -11.69 11.39 -2.50
N LYS B 53 -11.26 12.54 -2.00
CA LYS B 53 -10.05 12.56 -1.19
C LYS B 53 -10.26 11.91 0.16
N GLU B 54 -11.49 11.88 0.66
CA GLU B 54 -11.77 11.22 1.94
C GLU B 54 -11.88 9.71 1.78
N ASP B 55 -12.74 9.24 0.88
CA ASP B 55 -12.91 7.82 0.69
C ASP B 55 -11.67 7.17 0.14
N GLN B 56 -10.77 7.95 -0.49
CA GLN B 56 -9.58 7.36 -1.07
C GLN B 56 -8.32 7.97 -0.49
N ASP B 57 -8.34 8.37 0.78
CA ASP B 57 -7.14 9.01 1.33
C ASP B 57 -5.90 8.11 1.32
N LEU B 58 -6.07 6.80 1.20
CA LEU B 58 -4.89 5.94 1.04
C LEU B 58 -4.04 6.33 -0.16
N LEU B 59 -4.62 7.00 -1.16
CA LEU B 59 -3.80 7.39 -2.31
C LEU B 59 -2.70 8.36 -1.94
N LYS B 60 -2.77 9.01 -0.78
CA LYS B 60 -1.66 9.86 -0.34
C LYS B 60 -0.42 9.05 -0.07
N LEU B 61 -0.57 7.77 0.24
CA LEU B 61 0.57 6.92 0.58
C LEU B 61 1.19 6.23 -0.63
N VAL B 62 0.60 6.35 -1.82
CA VAL B 62 1.10 5.62 -2.98
C VAL B 62 2.41 6.25 -3.44
N LYS B 63 3.40 5.41 -3.72
CA LYS B 63 4.72 5.84 -4.18
C LYS B 63 4.84 5.58 -5.67
N SER B 64 5.59 6.46 -6.33
CA SER B 64 5.79 6.39 -7.78
C SER B 64 4.53 6.76 -8.55
N TYR B 65 4.56 6.62 -9.87
CA TYR B 65 3.45 7.08 -10.71
C TYR B 65 2.94 5.91 -11.53
N HIS B 66 1.63 5.90 -11.83
CA HIS B 66 1.02 4.68 -12.34
C HIS B 66 -0.20 5.10 -13.13
N TRP B 67 -0.53 4.30 -14.14
CA TRP B 67 -1.68 4.69 -14.94
C TRP B 67 -2.96 4.68 -14.11
N MET B 68 -3.82 5.69 -14.36
CA MET B 68 -5.21 5.65 -13.90
C MET B 68 -6.13 5.80 -15.10
N GLY B 69 -7.44 5.75 -14.86
CA GLY B 69 -8.40 5.69 -15.96
C GLY B 69 -8.85 7.02 -16.54
N LEU B 70 -7.99 8.05 -16.50
CA LEU B 70 -8.36 9.41 -16.91
C LEU B 70 -7.80 9.70 -18.29
N VAL B 71 -8.68 10.08 -19.22
CA VAL B 71 -8.33 10.21 -20.63
C VAL B 71 -9.00 11.46 -21.16
N HIS B 72 -8.47 11.93 -22.28
CA HIS B 72 -8.96 13.12 -22.96
C HIS B 72 -9.39 12.73 -24.36
N ILE B 73 -10.67 12.88 -24.66
CA ILE B 73 -11.20 12.72 -26.01
C ILE B 73 -11.48 14.13 -26.55
N PRO B 74 -10.80 14.57 -27.62
CA PRO B 74 -11.18 15.87 -28.19
C PRO B 74 -12.42 15.79 -29.10
N GLY B 77 -13.57 18.85 -25.16
CA GLY B 77 -14.07 18.11 -24.01
C GLY B 77 -13.06 18.04 -22.87
N SER B 78 -13.54 17.89 -21.65
CA SER B 78 -12.68 17.88 -20.47
C SER B 78 -12.04 16.52 -20.32
N TRP B 79 -11.35 16.31 -19.20
CA TRP B 79 -10.89 14.98 -18.88
C TRP B 79 -12.06 14.15 -18.36
N GLN B 80 -12.06 12.87 -18.71
CA GLN B 80 -13.10 11.96 -18.29
C GLN B 80 -12.50 10.63 -17.89
N TRP B 81 -13.22 9.92 -17.03
CA TRP B 81 -12.88 8.58 -16.65
C TRP B 81 -13.34 7.59 -17.70
N GLU B 82 -12.83 6.36 -17.60
CA GLU B 82 -13.23 5.29 -18.52
C GLU B 82 -14.75 5.14 -18.55
N ASP B 83 -15.40 5.22 -17.39
CA ASP B 83 -16.84 5.01 -17.34
C ASP B 83 -17.64 6.18 -17.92
N GLY B 84 -16.99 7.20 -18.47
CA GLY B 84 -17.70 8.28 -19.11
C GLY B 84 -18.01 9.44 -18.19
N SER B 85 -17.79 9.30 -16.89
CA SER B 85 -18.06 10.39 -15.97
C SER B 85 -16.98 11.45 -16.07
N SER B 86 -17.33 12.66 -15.65
CA SER B 86 -16.37 13.76 -15.67
C SER B 86 -15.49 13.73 -14.44
N LEU B 87 -14.30 14.33 -14.59
CA LEU B 87 -13.42 14.46 -13.45
C LEU B 87 -13.99 15.49 -12.50
N SER B 88 -14.18 15.11 -11.23
CA SER B 88 -14.73 16.04 -10.27
C SER B 88 -13.74 17.17 -10.01
N PRO B 89 -14.22 18.38 -9.80
CA PRO B 89 -13.30 19.51 -9.57
C PRO B 89 -12.65 19.41 -8.19
N ASN B 90 -11.50 20.07 -8.07
CA ASN B 90 -10.82 20.26 -6.79
C ASN B 90 -10.38 18.94 -6.17
N LEU B 91 -10.02 17.98 -7.03
CA LEU B 91 -9.67 16.65 -6.58
C LEU B 91 -8.23 16.32 -6.96
N LEU B 92 -7.86 16.60 -8.20
CA LEU B 92 -6.51 16.37 -8.71
C LEU B 92 -5.86 17.65 -9.20
N THR B 93 -4.58 17.80 -8.86
CA THR B 93 -3.77 18.83 -9.50
C THR B 93 -3.21 18.23 -10.78
N ILE B 94 -3.58 18.79 -11.93
CA ILE B 94 -3.17 18.25 -13.22
C ILE B 94 -1.88 18.95 -13.66
N ILE B 95 -0.86 18.16 -14.02
CA ILE B 95 0.45 18.70 -14.39
C ILE B 95 0.82 18.16 -15.76
N GLU B 96 1.26 19.05 -16.66
CA GLU B 96 1.68 18.59 -17.99
C GLU B 96 3.07 17.99 -17.91
N MET B 97 3.23 16.75 -18.37
CA MET B 97 4.52 16.06 -18.38
C MET B 97 4.96 15.64 -19.77
N GLN B 98 4.06 15.05 -20.57
CA GLN B 98 4.34 14.64 -21.95
C GLN B 98 3.16 15.02 -22.84
N LYS B 99 3.41 15.09 -24.15
CA LYS B 99 2.28 15.22 -25.06
C LYS B 99 1.44 13.95 -24.97
N GLY B 100 0.18 14.07 -24.60
CA GLY B 100 -0.60 12.84 -24.49
C GLY B 100 -2.03 13.08 -24.07
N ASP B 101 -2.80 12.02 -24.17
CA ASP B 101 -4.23 12.07 -23.89
C ASP B 101 -4.61 11.19 -22.70
N CYS B 102 -3.63 10.76 -21.90
CA CYS B 102 -3.90 9.89 -20.76
C CYS B 102 -3.19 10.47 -19.55
N ALA B 103 -3.49 9.95 -18.36
CA ALA B 103 -2.90 10.52 -17.15
C ALA B 103 -2.42 9.45 -16.19
N LEU B 104 -1.32 9.76 -15.54
CA LEU B 104 -0.82 8.94 -14.45
C LEU B 104 -1.25 9.57 -13.14
N TYR B 105 -1.49 8.72 -12.15
CA TYR B 105 -1.67 9.18 -10.78
C TYR B 105 -0.30 9.27 -10.12
N ALA B 106 -0.08 10.34 -9.35
CA ALA B 106 1.09 10.47 -8.50
C ALA B 106 0.67 11.10 -7.17
N SER B 107 1.28 10.68 -6.06
CA SER B 107 0.90 11.29 -4.78
C SER B 107 1.46 12.70 -4.71
N SER B 108 0.75 13.62 -4.02
CA SER B 108 -0.56 13.40 -3.40
C SER B 108 -1.67 14.02 -4.26
N PHE B 109 -2.56 13.20 -4.80
CA PHE B 109 -3.67 13.65 -5.64
C PHE B 109 -3.19 14.55 -6.79
N LYS B 110 -2.19 14.05 -7.52
CA LYS B 110 -1.77 14.70 -8.75
C LYS B 110 -2.05 13.80 -9.94
N GLY B 111 -2.31 14.42 -11.09
CA GLY B 111 -2.40 13.69 -12.34
C GLY B 111 -1.36 14.23 -13.29
N TYR B 112 -0.55 13.37 -13.89
N TYR B 112 -0.55 13.37 -13.88
CA TYR B 112 0.45 13.77 -14.87
CA TYR B 112 0.44 13.76 -14.87
C TYR B 112 -0.08 13.45 -16.26
C TYR B 112 -0.13 13.46 -16.25
N ILE B 113 -0.16 14.47 -17.13
CA ILE B 113 -0.54 14.21 -18.52
C ILE B 113 0.62 13.50 -19.20
N GLU B 114 0.32 12.40 -19.86
CA GLU B 114 1.31 11.39 -20.23
C GLU B 114 0.94 10.81 -21.59
N ASN B 115 1.93 10.53 -22.43
CA ASN B 115 1.63 9.90 -23.73
C ASN B 115 1.01 8.53 -23.46
N CYS B 116 -0.17 8.27 -24.06
CA CYS B 116 -0.84 6.99 -23.84
C CYS B 116 0.01 5.80 -24.25
N SER B 117 0.98 5.97 -25.17
CA SER B 117 1.80 4.83 -25.56
C SER B 117 3.00 4.58 -24.64
N THR B 118 3.23 5.42 -23.65
CA THR B 118 4.42 5.23 -22.81
C THR B 118 4.15 4.11 -21.82
N PRO B 119 5.02 3.10 -21.75
CA PRO B 119 4.83 2.03 -20.75
C PRO B 119 4.96 2.56 -19.33
N ASN B 120 4.01 2.18 -18.48
CA ASN B 120 4.03 2.55 -17.07
C ASN B 120 3.43 1.40 -16.27
N THR B 121 3.77 1.33 -14.98
CA THR B 121 3.01 0.48 -14.08
C THR B 121 1.59 1.05 -13.93
N TYR B 122 0.69 0.28 -13.31
CA TYR B 122 -0.70 0.72 -13.32
C TYR B 122 -1.42 0.19 -12.10
N ILE B 123 -2.54 0.84 -11.77
CA ILE B 123 -3.38 0.45 -10.63
C ILE B 123 -4.78 0.11 -11.15
N CYS B 124 -5.25 -1.11 -10.84
CA CYS B 124 -6.63 -1.48 -11.14
C CYS B 124 -7.49 -1.27 -9.91
N MET B 125 -8.78 -1.10 -10.13
CA MET B 125 -9.72 -0.80 -9.05
C MET B 125 -11.03 -1.51 -9.32
N GLN B 126 -11.64 -2.05 -8.25
CA GLN B 126 -12.92 -2.72 -8.32
C GLN B 126 -13.79 -2.24 -7.16
N ARG B 127 -15.11 -2.18 -7.40
CA ARG B 127 -16.08 -1.82 -6.37
C ARG B 127 -17.46 -2.22 -6.77
#